data_2ILY
#
_entry.id   2ILY
#
_cell.length_a   128.526
_cell.length_b   128.526
_cell.length_c   112.891
_cell.angle_alpha   90.00
_cell.angle_beta   90.00
_cell.angle_gamma   120.00
#
_symmetry.space_group_name_H-M   'P 65'
#
loop_
_entity.id
_entity.type
_entity.pdbx_description
1 polymer 'Poliovirus polymerase'
2 non-polymer 'SODIUM ION'
3 non-polymer "ADENOSINE-5'-TRIPHOSPHATE"
4 non-polymer 'ACETIC ACID'
5 water water
#
_entity_poly.entity_id   1
_entity_poly.type   'polypeptide(L)'
_entity_poly.pdbx_seq_one_letter_code
;GEIQWMRPSKEVGYPIINAPSKTKLEPSAFHYVFEGVKEPAVLTKNDPRLKTDFEEAIFSKYVGNKITEVDEYMKEAVDH
YAGQLMSLDINTEQM(CAS)LEDAMYGTDGLEALDLSTSAGYPYVAMGKKKRDILNKQTRDTKEMQKLLDTYGINLPLVT
YVKDELRSKTKVEQGKSRLIEASSLNDSVAMRMAFGNLYAAFHKNPGVITGSAVG(CAS)DPDLFWSKIPVLMEEKLFAF
DYTGYDASLSPAWFEALKMVLEKIGFGDRVDYIDYLNHSHHLYKNKTY(CAS)VKGGMPSG(CAS)SGTSIFNSMINNLI
IRTLLLKTYKGIDLDHLKMIAYGDDVIASYPHEVDASLLAQSGKDYGLTMTPADKSATFETVTWENVTFLKRFFRADEKY
PFLIHPVMPMKEIHESIRWTKDPRNTQDHVRSLCLLAWHNGEEEYNKFLAKIRSVPIGRALDLPEYSTLYDRWLDSF
;
_entity_poly.pdbx_strand_id   A
#
# COMPACT_ATOMS: atom_id res chain seq x y z
N GLY A 1 6.43 -3.30 -15.66
CA GLY A 1 7.76 -2.87 -15.10
C GLY A 1 8.93 -3.73 -15.57
N GLU A 2 10.02 -3.08 -15.94
CA GLU A 2 11.20 -3.79 -16.42
C GLU A 2 12.51 -3.01 -16.28
N ILE A 3 13.56 -3.72 -15.85
CA ILE A 3 14.88 -3.13 -15.66
C ILE A 3 15.61 -3.02 -16.99
N GLN A 4 15.98 -1.79 -17.34
CA GLN A 4 16.67 -1.51 -18.59
C GLN A 4 18.15 -1.88 -18.53
N TRP A 5 18.80 -1.53 -17.43
CA TRP A 5 20.19 -1.83 -17.20
C TRP A 5 20.50 -1.69 -15.72
N MET A 6 21.57 -2.35 -15.29
CA MET A 6 22.03 -2.34 -13.91
C MET A 6 23.53 -2.54 -13.87
N ARG A 7 24.22 -1.73 -13.06
CA ARG A 7 25.67 -1.85 -12.96
C ARG A 7 26.27 -1.23 -11.70
N PRO A 8 27.57 -1.45 -11.48
CA PRO A 8 28.31 -0.93 -10.32
C PRO A 8 28.13 0.57 -10.08
N SER A 9 27.52 0.91 -8.96
CA SER A 9 27.28 2.32 -8.63
C SER A 9 28.54 3.17 -8.71
N LYS A 10 29.71 2.54 -8.65
CA LYS A 10 30.97 3.28 -8.73
C LYS A 10 31.21 3.73 -10.17
N GLU A 11 30.88 2.84 -11.11
CA GLU A 11 31.04 3.14 -12.53
C GLU A 11 30.29 4.39 -12.96
N VAL A 12 29.40 4.91 -12.13
CA VAL A 12 28.63 6.09 -12.52
C VAL A 12 28.64 7.21 -11.50
N GLY A 13 29.55 7.14 -10.53
CA GLY A 13 29.64 8.19 -9.54
C GLY A 13 28.72 8.13 -8.34
N TYR A 14 28.30 6.92 -7.97
CA TYR A 14 27.42 6.73 -6.84
C TYR A 14 28.06 5.84 -5.78
N PRO A 15 27.98 6.25 -4.51
CA PRO A 15 28.51 5.55 -3.34
C PRO A 15 27.72 4.30 -3.03
N ILE A 16 28.37 3.32 -2.38
CA ILE A 16 27.66 2.11 -2.03
C ILE A 16 26.64 2.40 -0.91
N ILE A 17 25.61 1.56 -0.81
CA ILE A 17 24.57 1.72 0.21
C ILE A 17 24.65 0.62 1.24
N ASN A 18 24.85 1.00 2.50
CA ASN A 18 24.94 0.01 3.57
C ASN A 18 23.56 -0.43 4.01
N ALA A 19 23.23 -1.70 3.75
CA ALA A 19 21.94 -2.23 4.13
C ALA A 19 22.17 -3.31 5.19
N PRO A 20 21.63 -3.09 6.41
CA PRO A 20 21.80 -4.07 7.49
C PRO A 20 21.58 -5.49 6.97
N SER A 21 22.47 -6.41 7.32
CA SER A 21 22.36 -7.79 6.85
C SER A 21 21.67 -8.72 7.84
N LYS A 22 21.33 -8.19 9.02
CA LYS A 22 20.67 -8.99 10.04
C LYS A 22 19.30 -8.43 10.42
N THR A 23 18.30 -9.30 10.42
CA THR A 23 16.92 -8.93 10.74
C THR A 23 16.76 -8.42 12.16
N LYS A 24 15.73 -7.60 12.40
CA LYS A 24 15.48 -7.08 13.73
C LYS A 24 14.32 -7.84 14.36
N LEU A 25 13.90 -8.91 13.71
CA LEU A 25 12.80 -9.71 14.19
C LEU A 25 13.27 -10.94 14.95
N GLU A 26 12.96 -10.99 16.24
CA GLU A 26 13.31 -12.14 17.08
C GLU A 26 12.04 -12.61 17.78
N PRO A 27 12.01 -13.89 18.19
CA PRO A 27 10.82 -14.42 18.86
C PRO A 27 10.42 -13.55 20.05
N SER A 28 9.11 -13.37 20.22
CA SER A 28 8.57 -12.53 21.30
C SER A 28 8.10 -13.36 22.48
N ALA A 29 7.80 -12.68 23.57
CA ALA A 29 7.32 -13.33 24.78
C ALA A 29 6.21 -14.33 24.49
N PHE A 30 5.44 -14.10 23.43
CA PHE A 30 4.33 -14.98 23.11
C PHE A 30 4.65 -15.90 21.96
N HIS A 31 5.93 -16.07 21.66
CA HIS A 31 6.34 -16.92 20.56
C HIS A 31 5.89 -18.37 20.66
N TYR A 32 5.99 -18.95 21.86
CA TYR A 32 5.61 -20.35 22.03
C TYR A 32 4.20 -20.52 22.57
N VAL A 33 3.53 -19.40 22.83
CA VAL A 33 2.17 -19.44 23.35
C VAL A 33 1.16 -19.43 22.21
N PHE A 34 1.60 -18.96 21.06
CA PHE A 34 0.76 -18.87 19.87
C PHE A 34 1.40 -19.62 18.71
N GLU A 35 0.57 -20.04 17.75
CA GLU A 35 1.08 -20.76 16.60
C GLU A 35 1.30 -19.85 15.42
N GLY A 36 2.45 -20.00 14.77
CA GLY A 36 2.79 -19.21 13.61
C GLY A 36 3.74 -20.01 12.76
N VAL A 37 3.80 -19.72 11.46
CA VAL A 37 4.70 -20.44 10.55
C VAL A 37 5.56 -19.50 9.72
N LYS A 38 5.41 -18.20 9.95
CA LYS A 38 6.20 -17.22 9.21
C LYS A 38 7.51 -16.90 9.93
N GLU A 39 8.54 -16.55 9.15
CA GLU A 39 9.86 -16.21 9.67
C GLU A 39 10.27 -14.90 9.02
N PRO A 40 11.38 -14.30 9.48
CA PRO A 40 11.82 -13.04 8.85
C PRO A 40 12.21 -13.29 7.40
N ALA A 41 12.05 -12.27 6.56
CA ALA A 41 12.38 -12.37 5.15
C ALA A 41 13.89 -12.42 4.95
N VAL A 42 14.32 -13.08 3.88
CA VAL A 42 15.74 -13.15 3.60
C VAL A 42 16.25 -11.74 3.35
N LEU A 43 17.33 -11.37 4.01
CA LEU A 43 17.87 -10.02 3.82
C LEU A 43 19.15 -10.01 3.00
N THR A 44 19.86 -11.13 2.99
CA THR A 44 21.11 -11.21 2.24
C THR A 44 21.25 -12.53 1.48
N LYS A 45 22.06 -12.46 0.43
CA LYS A 45 22.36 -13.58 -0.46
C LYS A 45 22.79 -14.83 0.28
N ASN A 46 23.33 -14.63 1.48
CA ASN A 46 23.84 -15.71 2.33
C ASN A 46 22.86 -16.54 3.14
N ASP A 47 21.64 -16.03 3.33
CA ASP A 47 20.65 -16.77 4.13
C ASP A 47 20.56 -18.26 3.80
N PRO A 48 21.06 -19.11 4.71
CA PRO A 48 21.08 -20.56 4.62
C PRO A 48 19.74 -21.16 4.23
N ARG A 49 18.69 -20.35 4.34
CA ARG A 49 17.35 -20.79 4.01
C ARG A 49 17.11 -20.77 2.49
N LEU A 50 17.86 -19.90 1.80
CA LEU A 50 17.75 -19.74 0.36
C LEU A 50 17.89 -21.03 -0.45
N LYS A 51 17.14 -21.12 -1.54
CA LYS A 51 17.16 -22.27 -2.45
C LYS A 51 17.25 -21.82 -3.91
N THR A 52 17.63 -20.57 -4.11
CA THR A 52 17.79 -19.98 -5.44
C THR A 52 18.48 -18.64 -5.26
N ASP A 53 19.05 -18.11 -6.33
CA ASP A 53 19.75 -16.84 -6.21
C ASP A 53 18.81 -15.78 -5.64
N PHE A 54 19.33 -15.01 -4.70
CA PHE A 54 18.60 -13.94 -4.05
C PHE A 54 18.42 -12.77 -5.01
N GLU A 55 19.52 -12.36 -5.65
CA GLU A 55 19.49 -11.25 -6.60
C GLU A 55 18.40 -11.45 -7.64
N GLU A 56 18.41 -12.60 -8.27
CA GLU A 56 17.43 -12.91 -9.29
C GLU A 56 16.02 -12.75 -8.74
N ALA A 57 15.74 -13.46 -7.65
CA ALA A 57 14.43 -13.47 -7.01
C ALA A 57 13.90 -12.10 -6.56
N ILE A 58 14.69 -11.32 -5.84
CA ILE A 58 14.19 -10.02 -5.39
C ILE A 58 13.87 -9.08 -6.52
N PHE A 59 14.30 -9.42 -7.73
CA PHE A 59 14.01 -8.56 -8.87
C PHE A 59 13.03 -9.21 -9.86
N SER A 60 12.72 -10.48 -9.65
CA SER A 60 11.81 -11.18 -10.54
C SER A 60 10.45 -10.48 -10.67
N LYS A 61 10.15 -9.58 -9.74
CA LYS A 61 8.87 -8.89 -9.77
C LYS A 61 8.64 -8.06 -11.02
N TYR A 62 9.72 -7.68 -11.70
CA TYR A 62 9.63 -6.88 -12.93
C TYR A 62 9.44 -7.75 -14.16
N VAL A 63 8.27 -8.35 -14.27
CA VAL A 63 7.89 -9.22 -15.37
C VAL A 63 7.92 -8.59 -16.77
N GLY A 64 8.16 -7.29 -16.84
CA GLY A 64 8.20 -6.65 -18.15
C GLY A 64 7.02 -5.73 -18.36
N ASN A 65 7.00 -5.05 -19.50
CA ASN A 65 5.91 -4.14 -19.84
C ASN A 65 5.15 -4.79 -20.97
N LYS A 66 3.85 -4.93 -20.80
CA LYS A 66 3.04 -5.59 -21.81
C LYS A 66 2.39 -4.71 -22.85
N ILE A 67 1.97 -3.51 -22.47
CA ILE A 67 1.34 -2.64 -23.46
C ILE A 67 2.23 -1.47 -23.81
N THR A 68 1.97 -0.84 -24.95
CA THR A 68 2.77 0.29 -25.41
C THR A 68 2.05 1.63 -25.32
N GLU A 69 0.97 1.75 -26.09
CA GLU A 69 0.17 2.97 -26.10
C GLU A 69 -1.03 2.88 -25.16
N VAL A 70 -1.79 3.96 -25.08
CA VAL A 70 -2.99 4.00 -24.26
C VAL A 70 -4.12 3.84 -25.27
N ASP A 71 -4.73 2.66 -25.34
CA ASP A 71 -5.79 2.45 -26.32
C ASP A 71 -7.08 3.21 -26.07
N GLU A 72 -8.07 2.90 -26.91
CA GLU A 72 -9.38 3.53 -26.84
C GLU A 72 -10.02 3.35 -25.48
N TYR A 73 -10.11 2.10 -25.04
CA TYR A 73 -10.71 1.77 -23.77
C TYR A 73 -10.07 2.58 -22.66
N MET A 74 -8.76 2.46 -22.54
CA MET A 74 -8.00 3.20 -21.54
C MET A 74 -8.40 4.68 -21.56
N LYS A 75 -8.46 5.25 -22.76
CA LYS A 75 -8.85 6.65 -22.90
C LYS A 75 -10.26 6.86 -22.34
N GLU A 76 -11.18 5.96 -22.64
CA GLU A 76 -12.53 6.11 -22.14
C GLU A 76 -12.51 5.94 -20.62
N ALA A 77 -11.72 4.97 -20.17
CA ALA A 77 -11.59 4.71 -18.75
C ALA A 77 -11.12 6.01 -18.09
N VAL A 78 -10.12 6.65 -18.68
CA VAL A 78 -9.58 7.90 -18.15
C VAL A 78 -10.65 8.98 -18.05
N ASP A 79 -11.41 9.16 -19.12
CA ASP A 79 -12.46 10.17 -19.13
C ASP A 79 -13.43 9.96 -17.99
N HIS A 80 -14.02 8.76 -17.93
CA HIS A 80 -15.01 8.43 -16.90
C HIS A 80 -14.55 8.71 -15.47
N TYR A 81 -13.39 8.15 -15.11
CA TYR A 81 -12.83 8.34 -13.77
C TYR A 81 -12.56 9.83 -13.54
N ALA A 82 -11.80 10.44 -14.44
CA ALA A 82 -11.50 11.86 -14.33
C ALA A 82 -12.83 12.58 -14.15
N GLY A 83 -13.88 12.02 -14.76
CA GLY A 83 -15.19 12.61 -14.66
C GLY A 83 -15.65 12.65 -13.21
N GLN A 84 -15.64 11.49 -12.56
CA GLN A 84 -16.04 11.38 -11.16
C GLN A 84 -15.23 12.29 -10.24
N LEU A 85 -13.92 12.20 -10.35
CA LEU A 85 -13.04 13.01 -9.51
C LEU A 85 -13.41 14.48 -9.63
N MET A 86 -13.81 14.86 -10.83
CA MET A 86 -14.18 16.24 -11.08
C MET A 86 -15.20 16.77 -10.08
N SER A 87 -16.12 15.91 -9.66
CA SER A 87 -17.19 16.27 -8.73
C SER A 87 -16.75 16.47 -7.30
N LEU A 88 -15.49 16.21 -7.01
CA LEU A 88 -15.00 16.40 -5.65
C LEU A 88 -14.52 17.82 -5.50
N ASP A 89 -14.53 18.57 -6.60
CA ASP A 89 -14.11 19.95 -6.55
C ASP A 89 -12.75 20.01 -5.82
N ILE A 90 -11.78 19.26 -6.35
CA ILE A 90 -10.47 19.20 -5.73
C ILE A 90 -9.65 20.46 -5.95
N ASN A 91 -9.16 21.04 -4.86
CA ASN A 91 -8.34 22.25 -4.93
C ASN A 91 -7.07 21.90 -5.68
N THR A 92 -6.82 22.63 -6.78
CA THR A 92 -5.65 22.36 -7.62
C THR A 92 -4.37 23.15 -7.31
N GLU A 93 -4.44 24.05 -6.34
CA GLU A 93 -3.27 24.85 -5.97
C GLU A 93 -2.14 23.97 -5.47
N GLN A 94 -0.99 24.58 -5.22
CA GLN A 94 0.15 23.84 -4.72
C GLN A 94 0.04 23.88 -3.20
N MET A 95 0.87 23.13 -2.50
CA MET A 95 0.81 23.14 -1.04
C MET A 95 2.04 23.84 -0.51
N LEU A 97 5.15 24.70 1.32
CA LEU A 97 6.19 23.88 1.92
C LEU A 97 5.96 23.52 3.38
N GLU A 98 5.45 24.47 4.17
CA GLU A 98 5.21 24.22 5.59
C GLU A 98 4.13 23.15 5.76
N ASP A 99 2.92 23.44 5.28
CA ASP A 99 1.82 22.48 5.38
C ASP A 99 2.23 21.12 4.80
N ALA A 100 3.06 21.15 3.78
CA ALA A 100 3.52 19.92 3.13
C ALA A 100 4.49 19.14 3.98
N MET A 101 5.24 19.85 4.82
CA MET A 101 6.23 19.21 5.69
C MET A 101 5.68 18.71 7.02
N TYR A 102 4.92 19.57 7.70
CA TYR A 102 4.39 19.22 9.00
C TYR A 102 2.92 18.84 9.04
N GLY A 103 2.26 18.88 7.89
CA GLY A 103 0.87 18.48 7.84
C GLY A 103 -0.17 19.57 7.99
N THR A 104 -1.38 19.23 7.60
CA THR A 104 -2.55 20.11 7.66
C THR A 104 -3.77 19.22 7.45
N ASP A 105 -4.97 19.75 7.71
CA ASP A 105 -6.19 18.95 7.56
C ASP A 105 -6.20 18.14 6.27
N GLY A 106 -6.23 16.81 6.42
CA GLY A 106 -6.26 15.93 5.26
C GLY A 106 -4.93 15.29 4.93
N LEU A 107 -3.86 15.76 5.58
CA LEU A 107 -2.52 15.24 5.33
C LEU A 107 -1.67 15.17 6.60
N GLU A 108 -1.09 14.01 6.89
CA GLU A 108 -0.26 13.87 8.08
C GLU A 108 1.14 14.43 7.82
N ALA A 109 1.86 14.75 8.88
CA ALA A 109 3.21 15.28 8.75
C ALA A 109 4.10 14.15 8.27
N LEU A 110 5.32 14.47 7.83
CA LEU A 110 6.23 13.45 7.36
C LEU A 110 6.57 12.47 8.47
N ASP A 111 6.92 11.25 8.10
CA ASP A 111 7.24 10.21 9.07
C ASP A 111 8.72 10.19 9.41
N LEU A 112 9.06 10.76 10.58
CA LEU A 112 10.45 10.84 11.03
C LEU A 112 11.19 9.50 11.07
N SER A 113 10.43 8.41 11.04
CA SER A 113 11.02 7.07 11.09
C SER A 113 11.69 6.63 9.79
N THR A 114 10.96 6.70 8.68
CA THR A 114 11.47 6.26 7.36
C THR A 114 12.69 7.00 6.80
N SER A 115 13.52 6.24 6.08
CA SER A 115 14.75 6.74 5.46
C SER A 115 14.61 8.12 4.86
N ALA A 116 15.69 8.88 4.90
CA ALA A 116 15.71 10.24 4.34
C ALA A 116 16.06 10.07 2.86
N GLY A 117 16.67 8.94 2.54
CA GLY A 117 17.04 8.65 1.18
C GLY A 117 18.34 9.30 0.78
N TYR A 118 18.65 9.25 -0.52
CA TYR A 118 19.88 9.81 -1.07
C TYR A 118 19.73 11.33 -1.24
N PRO A 119 20.82 12.07 -1.04
CA PRO A 119 22.17 11.58 -0.68
C PRO A 119 22.34 11.42 0.83
N TYR A 120 21.39 11.99 1.57
CA TYR A 120 21.38 11.99 3.02
C TYR A 120 21.69 10.65 3.67
N VAL A 121 21.11 9.57 3.14
CA VAL A 121 21.36 8.25 3.72
C VAL A 121 22.86 7.96 3.68
N ALA A 122 23.54 8.50 2.65
CA ALA A 122 24.97 8.30 2.50
C ALA A 122 25.78 9.40 3.19
N MET A 123 25.10 10.47 3.60
CA MET A 123 25.72 11.60 4.30
C MET A 123 25.55 11.47 5.81
N GLY A 124 24.80 10.45 6.23
CA GLY A 124 24.56 10.23 7.64
C GLY A 124 23.48 11.14 8.20
N LYS A 125 23.15 12.20 7.48
CA LYS A 125 22.14 13.14 7.92
C LYS A 125 20.76 12.47 7.93
N LYS A 126 20.05 12.65 9.03
CA LYS A 126 18.72 12.06 9.20
C LYS A 126 17.65 13.15 9.25
N LYS A 127 16.39 12.75 9.16
CA LYS A 127 15.30 13.71 9.17
C LYS A 127 15.22 14.55 10.44
N ARG A 128 15.52 13.92 11.57
CA ARG A 128 15.46 14.61 12.86
C ARG A 128 16.30 15.89 12.92
N ASP A 129 17.20 16.08 11.97
CA ASP A 129 18.04 17.27 11.96
C ASP A 129 17.45 18.36 11.04
N ILE A 130 16.82 17.92 9.97
CA ILE A 130 16.25 18.82 8.97
C ILE A 130 14.87 19.37 9.29
N LEU A 131 14.01 18.49 9.80
CA LEU A 131 12.63 18.83 10.14
C LEU A 131 12.39 19.57 11.44
N ASN A 132 12.09 18.81 12.49
CA ASN A 132 11.85 19.34 13.83
C ASN A 132 10.48 20.03 13.90
N LYS A 133 9.52 19.34 14.53
CA LYS A 133 8.16 19.83 14.67
C LYS A 133 7.95 21.24 15.22
N GLN A 134 8.20 21.39 16.53
CA GLN A 134 8.04 22.63 17.27
C GLN A 134 7.91 23.94 16.47
N THR A 135 8.90 24.25 15.65
CA THR A 135 8.89 25.49 14.87
C THR A 135 8.28 25.42 13.47
N ARG A 136 8.29 24.23 12.87
CA ARG A 136 7.77 24.06 11.52
C ARG A 136 8.72 24.85 10.61
N ASP A 137 10.01 24.75 10.93
CA ASP A 137 11.06 25.44 10.19
C ASP A 137 11.26 24.91 8.78
N THR A 138 10.96 25.77 7.81
CA THR A 138 11.10 25.40 6.41
C THR A 138 12.55 25.64 5.94
N LYS A 139 13.20 26.64 6.55
CA LYS A 139 14.58 27.03 6.22
C LYS A 139 15.57 25.92 5.88
N GLU A 140 15.80 25.00 6.81
CA GLU A 140 16.74 23.90 6.56
C GLU A 140 16.37 23.09 5.31
N MET A 141 15.10 22.68 5.21
CA MET A 141 14.62 21.92 4.07
C MET A 141 14.77 22.78 2.82
N GLN A 142 14.09 23.92 2.85
CA GLN A 142 14.12 24.91 1.77
C GLN A 142 15.53 25.06 1.23
N LYS A 143 16.49 25.09 2.14
CA LYS A 143 17.90 25.21 1.80
C LYS A 143 18.34 23.97 1.04
N LEU A 144 18.17 22.81 1.69
CA LEU A 144 18.53 21.51 1.11
C LEU A 144 17.94 21.26 -0.26
N LEU A 145 16.73 21.78 -0.50
CA LEU A 145 16.07 21.60 -1.79
C LEU A 145 16.87 22.28 -2.89
N ASP A 146 17.26 23.53 -2.64
CA ASP A 146 18.04 24.30 -3.61
C ASP A 146 19.41 23.66 -3.79
N THR A 147 19.99 23.23 -2.68
CA THR A 147 21.30 22.61 -2.72
C THR A 147 21.35 21.32 -3.51
N TYR A 148 20.44 20.39 -3.24
CA TYR A 148 20.45 19.09 -3.92
C TYR A 148 19.44 18.84 -5.04
N GLY A 149 18.47 19.74 -5.19
CA GLY A 149 17.48 19.60 -6.24
C GLY A 149 16.48 18.46 -6.03
N ILE A 150 15.87 18.01 -7.12
CA ILE A 150 14.89 16.92 -7.04
C ILE A 150 15.18 15.81 -8.04
N ASN A 151 14.23 14.91 -8.20
CA ASN A 151 14.36 13.78 -9.11
C ASN A 151 15.64 13.00 -8.79
N LEU A 152 15.87 12.77 -7.49
CA LEU A 152 17.05 12.06 -7.02
C LEU A 152 16.78 10.56 -6.93
N PRO A 153 17.80 9.73 -7.18
CA PRO A 153 17.75 8.26 -7.15
C PRO A 153 16.96 7.67 -6.00
N LEU A 154 16.47 6.46 -6.21
CA LEU A 154 15.70 5.77 -5.20
C LEU A 154 16.57 4.76 -4.49
N VAL A 155 16.71 4.91 -3.17
CA VAL A 155 17.51 4.00 -2.37
C VAL A 155 16.67 2.75 -2.10
N THR A 156 17.20 1.60 -2.45
CA THR A 156 16.46 0.36 -2.28
C THR A 156 16.94 -0.57 -1.18
N TYR A 157 16.03 -0.87 -0.24
CA TYR A 157 16.28 -1.75 0.90
C TYR A 157 15.41 -2.99 0.80
N VAL A 158 15.85 -4.09 1.40
CA VAL A 158 15.01 -5.29 1.42
C VAL A 158 14.11 -5.04 2.62
N LYS A 159 12.82 -5.29 2.49
CA LYS A 159 11.92 -5.05 3.62
C LYS A 159 12.08 -6.13 4.68
N ASP A 160 12.35 -5.69 5.91
CA ASP A 160 12.54 -6.59 7.06
C ASP A 160 11.18 -6.92 7.65
N GLU A 161 10.63 -8.06 7.25
CA GLU A 161 9.31 -8.44 7.71
C GLU A 161 9.09 -9.95 7.70
N LEU A 162 7.97 -10.40 8.26
CA LEU A 162 7.67 -11.83 8.30
C LEU A 162 7.15 -12.32 6.94
N ARG A 163 7.58 -13.50 6.54
CA ARG A 163 7.20 -14.06 5.26
C ARG A 163 6.98 -15.57 5.39
N SER A 164 6.27 -16.15 4.42
CA SER A 164 6.01 -17.59 4.47
C SER A 164 7.34 -18.31 4.28
N LYS A 165 7.36 -19.60 4.59
CA LYS A 165 8.58 -20.40 4.45
C LYS A 165 8.93 -20.45 2.96
N THR A 166 7.90 -20.58 2.14
CA THR A 166 8.07 -20.63 0.70
C THR A 166 8.73 -19.34 0.21
N LYS A 167 8.11 -18.20 0.50
CA LYS A 167 8.68 -16.94 0.07
C LYS A 167 10.03 -16.66 0.76
N VAL A 168 10.43 -17.58 1.63
CA VAL A 168 11.71 -17.45 2.31
C VAL A 168 12.70 -18.25 1.49
N GLU A 169 12.37 -19.50 1.25
CA GLU A 169 13.20 -20.41 0.46
C GLU A 169 13.36 -19.91 -0.97
N GLN A 170 12.35 -19.23 -1.49
CA GLN A 170 12.43 -18.71 -2.85
C GLN A 170 12.97 -17.28 -2.90
N GLY A 171 13.56 -16.84 -1.81
CA GLY A 171 14.13 -15.50 -1.75
C GLY A 171 13.21 -14.37 -2.18
N LYS A 172 11.90 -14.65 -2.21
CA LYS A 172 10.89 -13.66 -2.59
C LYS A 172 10.71 -12.59 -1.53
N SER A 173 11.77 -11.87 -1.21
CA SER A 173 11.67 -10.81 -0.22
C SER A 173 11.17 -9.54 -0.89
N ARG A 174 10.36 -8.77 -0.20
CA ARG A 174 9.86 -7.55 -0.82
C ARG A 174 10.91 -6.46 -0.66
N LEU A 175 10.94 -5.52 -1.60
CA LEU A 175 11.92 -4.44 -1.56
C LEU A 175 11.28 -3.07 -1.37
N ILE A 176 11.98 -2.21 -0.66
CA ILE A 176 11.52 -0.85 -0.41
C ILE A 176 12.32 0.10 -1.27
N GLU A 177 11.64 0.81 -2.17
CA GLU A 177 12.30 1.78 -3.03
C GLU A 177 12.04 3.16 -2.41
N ALA A 178 12.97 3.60 -1.56
CA ALA A 178 12.86 4.86 -0.84
C ALA A 178 13.16 6.15 -1.60
N SER A 179 12.29 7.13 -1.42
CA SER A 179 12.41 8.44 -2.06
C SER A 179 13.19 9.44 -1.19
N SER A 180 13.84 10.39 -1.85
CA SER A 180 14.58 11.41 -1.13
C SER A 180 13.62 12.38 -0.47
N LEU A 181 13.97 12.80 0.74
CA LEU A 181 13.16 13.75 1.51
C LEU A 181 12.73 14.91 0.61
N ASN A 182 13.61 15.28 -0.32
CA ASN A 182 13.32 16.37 -1.23
C ASN A 182 12.13 15.99 -2.11
N ASP A 183 12.32 14.93 -2.92
CA ASP A 183 11.28 14.45 -3.82
C ASP A 183 9.98 14.26 -3.06
N SER A 184 10.09 13.68 -1.88
CA SER A 184 8.92 13.45 -1.06
C SER A 184 8.24 14.79 -0.75
N VAL A 185 9.03 15.77 -0.35
CA VAL A 185 8.48 17.09 -0.04
C VAL A 185 7.93 17.76 -1.29
N ALA A 186 8.73 17.73 -2.36
CA ALA A 186 8.33 18.33 -3.62
C ALA A 186 6.96 17.80 -4.01
N MET A 187 6.87 16.47 -4.09
CA MET A 187 5.63 15.81 -4.47
C MET A 187 4.48 16.15 -3.56
N ARG A 188 4.74 16.23 -2.25
CA ARG A 188 3.70 16.57 -1.28
C ARG A 188 3.26 18.03 -1.49
N MET A 189 4.16 18.86 -1.99
CA MET A 189 3.81 20.24 -2.24
C MET A 189 3.00 20.29 -3.51
N ALA A 190 3.41 19.48 -4.49
CA ALA A 190 2.74 19.42 -5.76
C ALA A 190 1.33 18.82 -5.69
N PHE A 191 1.22 17.70 -4.97
CA PHE A 191 -0.05 16.98 -4.87
C PHE A 191 -0.73 17.01 -3.51
N GLY A 192 -0.11 17.66 -2.55
CA GLY A 192 -0.69 17.73 -1.22
C GLY A 192 -2.20 17.88 -1.14
N ASN A 193 -2.78 18.72 -1.99
CA ASN A 193 -4.22 18.90 -1.94
C ASN A 193 -4.97 17.71 -2.53
N LEU A 194 -4.33 17.05 -3.49
CA LEU A 194 -4.93 15.88 -4.10
C LEU A 194 -4.99 14.82 -3.01
N TYR A 195 -3.85 14.64 -2.35
CA TYR A 195 -3.71 13.68 -1.27
C TYR A 195 -4.76 13.92 -0.19
N ALA A 196 -4.91 15.19 0.21
CA ALA A 196 -5.88 15.55 1.24
C ALA A 196 -7.28 15.14 0.82
N ALA A 197 -7.71 15.63 -0.35
CA ALA A 197 -9.04 15.32 -0.86
C ALA A 197 -9.33 13.82 -0.86
N PHE A 198 -8.33 13.00 -1.16
CA PHE A 198 -8.55 11.56 -1.17
C PHE A 198 -8.71 11.00 0.23
N HIS A 199 -7.83 11.41 1.15
CA HIS A 199 -7.89 10.93 2.53
C HIS A 199 -9.24 11.28 3.15
N LYS A 200 -9.69 12.49 2.86
CA LYS A 200 -10.96 12.98 3.39
C LYS A 200 -12.17 12.43 2.65
N ASN A 201 -11.95 11.66 1.60
CA ASN A 201 -13.08 11.14 0.85
C ASN A 201 -13.02 9.66 0.48
N PRO A 202 -12.71 8.80 1.45
CA PRO A 202 -12.67 7.39 1.04
C PRO A 202 -14.08 7.05 0.58
N GLY A 203 -14.18 6.22 -0.45
CA GLY A 203 -15.48 5.83 -0.96
C GLY A 203 -15.46 5.56 -2.44
N VAL A 204 -16.64 5.44 -3.02
CA VAL A 204 -16.77 5.16 -4.44
C VAL A 204 -16.64 6.36 -5.38
N ILE A 205 -16.36 7.54 -4.84
CA ILE A 205 -16.20 8.68 -5.75
C ILE A 205 -14.73 8.78 -6.07
N THR A 206 -13.90 8.58 -5.07
CA THR A 206 -12.47 8.62 -5.30
C THR A 206 -12.09 7.20 -5.73
N GLY A 207 -12.88 6.23 -5.32
CA GLY A 207 -12.57 4.85 -5.65
C GLY A 207 -11.35 4.46 -4.86
N SER A 208 -11.07 5.27 -3.84
CA SER A 208 -9.92 5.07 -2.98
C SER A 208 -10.40 4.77 -1.58
N ALA A 209 -9.56 4.03 -0.85
CA ALA A 209 -9.86 3.66 0.52
C ALA A 209 -8.70 4.16 1.39
N VAL A 210 -7.71 4.76 0.76
CA VAL A 210 -6.57 5.27 1.47
C VAL A 210 -6.96 6.32 2.51
N GLY A 211 -6.44 6.18 3.73
CA GLY A 211 -6.73 7.11 4.81
C GLY A 211 -7.84 6.65 5.74
N ASP A 213 -10.70 4.52 8.02
CA ASP A 213 -10.69 3.95 9.37
C ASP A 213 -11.60 2.73 9.32
N PRO A 214 -11.04 1.53 9.21
CA PRO A 214 -11.84 0.31 9.15
C PRO A 214 -12.96 0.19 10.16
N ASP A 215 -12.71 0.65 11.39
CA ASP A 215 -13.73 0.55 12.42
C ASP A 215 -15.03 1.28 12.07
N LEU A 216 -14.90 2.38 11.34
CA LEU A 216 -16.08 3.14 10.94
C LEU A 216 -16.47 2.79 9.50
N PHE A 217 -15.51 2.92 8.60
CA PHE A 217 -15.71 2.69 7.17
C PHE A 217 -16.41 1.40 6.74
N TRP A 218 -16.18 0.29 7.43
CA TRP A 218 -16.83 -0.96 7.02
C TRP A 218 -18.36 -0.91 6.97
N SER A 219 -18.96 -0.08 7.81
CA SER A 219 -20.41 0.03 7.82
C SER A 219 -20.90 0.81 6.62
N LYS A 220 -20.10 1.75 6.15
CA LYS A 220 -20.44 2.57 4.99
C LYS A 220 -20.30 1.87 3.64
N ILE A 221 -19.35 0.95 3.53
CA ILE A 221 -19.11 0.26 2.28
C ILE A 221 -20.28 -0.48 1.62
N PRO A 222 -20.93 -1.41 2.35
CA PRO A 222 -22.05 -2.17 1.77
C PRO A 222 -23.11 -1.30 1.12
N VAL A 223 -23.34 -0.16 1.74
CA VAL A 223 -24.31 0.80 1.24
C VAL A 223 -23.86 1.38 -0.09
N LEU A 224 -22.55 1.61 -0.21
CA LEU A 224 -21.97 2.18 -1.42
C LEU A 224 -21.93 1.22 -2.62
N MET A 225 -21.73 -0.07 -2.35
CA MET A 225 -21.66 -1.07 -3.40
C MET A 225 -22.96 -1.28 -4.17
N GLU A 226 -22.82 -1.86 -5.36
CA GLU A 226 -23.97 -2.19 -6.18
C GLU A 226 -24.38 -3.58 -5.74
N GLU A 227 -25.34 -4.15 -6.46
CA GLU A 227 -25.88 -5.46 -6.15
C GLU A 227 -24.90 -6.64 -6.20
N LYS A 228 -24.13 -6.72 -7.28
CA LYS A 228 -23.21 -7.83 -7.46
C LYS A 228 -21.73 -7.48 -7.26
N LEU A 229 -21.12 -8.12 -6.26
CA LEU A 229 -19.72 -7.90 -5.93
C LEU A 229 -18.80 -8.77 -6.79
N PHE A 230 -17.75 -8.16 -7.33
CA PHE A 230 -16.77 -8.93 -8.10
C PHE A 230 -15.38 -8.52 -7.63
N ALA A 231 -14.48 -9.50 -7.48
CA ALA A 231 -13.12 -9.23 -7.04
C ALA A 231 -12.11 -10.24 -7.54
N PHE A 232 -10.84 -9.94 -7.29
CA PHE A 232 -9.74 -10.80 -7.70
C PHE A 232 -8.45 -10.20 -7.14
N ASP A 233 -7.39 -11.01 -7.12
CA ASP A 233 -6.09 -10.53 -6.63
C ASP A 233 -5.15 -10.31 -7.78
N TYR A 234 -4.20 -9.40 -7.58
CA TYR A 234 -3.19 -9.09 -8.56
C TYR A 234 -1.94 -9.80 -8.12
N THR A 235 -1.06 -10.11 -9.05
CA THR A 235 0.19 -10.74 -8.70
C THR A 235 1.28 -9.77 -9.14
N GLY A 236 1.92 -9.14 -8.16
CA GLY A 236 2.96 -8.18 -8.46
C GLY A 236 2.41 -6.95 -9.15
N TYR A 237 1.26 -6.49 -8.70
CA TYR A 237 0.63 -5.31 -9.28
C TYR A 237 1.64 -4.21 -9.52
N ASP A 238 2.12 -3.58 -8.45
CA ASP A 238 3.07 -2.49 -8.55
C ASP A 238 4.11 -2.62 -9.67
N ALA A 239 4.87 -3.70 -9.63
CA ALA A 239 5.93 -3.95 -10.61
C ALA A 239 5.45 -4.29 -12.03
N SER A 240 4.25 -4.85 -12.16
CA SER A 240 3.73 -5.22 -13.45
C SER A 240 3.20 -4.03 -14.24
N LEU A 241 2.97 -2.92 -13.55
CA LEU A 241 2.45 -1.76 -14.25
C LEU A 241 3.37 -1.34 -15.38
N SER A 242 2.78 -1.06 -16.55
CA SER A 242 3.51 -0.62 -17.72
C SER A 242 3.45 0.90 -17.85
N PRO A 243 4.38 1.48 -18.61
CA PRO A 243 4.39 2.93 -18.79
C PRO A 243 3.03 3.51 -19.19
N ALA A 244 2.32 2.79 -20.05
CA ALA A 244 1.02 3.25 -20.52
C ALA A 244 0.09 3.63 -19.37
N TRP A 245 0.05 2.80 -18.34
CA TRP A 245 -0.82 3.06 -17.19
C TRP A 245 -0.40 4.35 -16.46
N PHE A 246 0.88 4.69 -16.54
CA PHE A 246 1.35 5.91 -15.91
C PHE A 246 0.91 7.08 -16.79
N GLU A 247 0.97 6.91 -18.11
CA GLU A 247 0.55 7.95 -19.03
C GLU A 247 -0.94 8.19 -18.86
N ALA A 248 -1.69 7.10 -18.70
CA ALA A 248 -3.12 7.19 -18.49
C ALA A 248 -3.38 7.96 -17.19
N LEU A 249 -2.56 7.68 -16.18
CA LEU A 249 -2.71 8.36 -14.89
C LEU A 249 -2.54 9.87 -15.06
N LYS A 250 -1.50 10.26 -15.80
CA LYS A 250 -1.22 11.66 -16.05
C LYS A 250 -2.41 12.32 -16.78
N MET A 251 -3.02 11.57 -17.69
CA MET A 251 -4.16 12.09 -18.43
C MET A 251 -5.29 12.49 -17.49
N VAL A 252 -5.43 11.75 -16.40
CA VAL A 252 -6.47 12.03 -15.43
C VAL A 252 -6.07 13.27 -14.65
N LEU A 253 -4.88 13.24 -14.06
CA LEU A 253 -4.37 14.37 -13.30
C LEU A 253 -4.54 15.63 -14.13
N GLU A 254 -4.15 15.53 -15.39
CA GLU A 254 -4.25 16.64 -16.34
C GLU A 254 -5.71 17.11 -16.45
N LYS A 255 -6.63 16.17 -16.69
CA LYS A 255 -8.03 16.54 -16.81
C LYS A 255 -8.64 17.20 -15.58
N ILE A 256 -8.03 17.03 -14.41
CA ILE A 256 -8.58 17.66 -13.20
C ILE A 256 -7.77 18.80 -12.60
N GLY A 257 -6.87 19.39 -13.40
CA GLY A 257 -6.11 20.53 -12.93
C GLY A 257 -4.67 20.35 -12.46
N PHE A 258 -4.04 19.23 -12.80
CA PHE A 258 -2.67 19.03 -12.37
C PHE A 258 -1.71 18.79 -13.53
N GLY A 259 -2.16 19.07 -14.77
CA GLY A 259 -1.31 18.89 -15.93
C GLY A 259 -0.04 19.64 -15.63
N ASP A 260 -0.25 20.67 -14.83
CA ASP A 260 0.75 21.57 -14.31
C ASP A 260 2.06 20.86 -13.95
N ARG A 261 1.96 19.79 -13.17
CA ARG A 261 3.15 19.04 -12.74
C ARG A 261 3.08 17.52 -12.91
N VAL A 262 2.51 17.07 -14.01
CA VAL A 262 2.41 15.65 -14.27
C VAL A 262 3.77 15.03 -14.52
N ASP A 263 4.81 15.88 -14.49
CA ASP A 263 6.17 15.42 -14.73
C ASP A 263 6.59 14.46 -13.63
N TYR A 264 6.19 14.79 -12.40
CA TYR A 264 6.52 13.98 -11.25
C TYR A 264 6.15 12.52 -11.49
N ILE A 265 5.07 12.31 -12.24
CA ILE A 265 4.62 10.97 -12.54
C ILE A 265 5.65 10.25 -13.38
N ASP A 266 6.36 11.01 -14.20
CA ASP A 266 7.38 10.42 -15.06
C ASP A 266 8.52 9.71 -14.30
N TYR A 267 8.86 10.20 -13.11
CA TYR A 267 9.94 9.58 -12.37
C TYR A 267 9.49 8.30 -11.63
N LEU A 268 8.19 8.15 -11.47
CA LEU A 268 7.64 6.97 -10.84
C LEU A 268 7.72 5.92 -11.94
N ASN A 269 7.29 6.32 -13.14
CA ASN A 269 7.32 5.44 -14.30
C ASN A 269 8.75 5.02 -14.61
N HIS A 270 9.54 5.98 -15.12
CA HIS A 270 10.94 5.76 -15.46
C HIS A 270 11.71 6.20 -14.22
N SER A 271 12.40 5.27 -13.55
CA SER A 271 13.12 5.65 -12.34
C SER A 271 14.53 5.10 -12.15
N HIS A 272 15.31 5.86 -11.39
CA HIS A 272 16.71 5.57 -11.08
C HIS A 272 16.83 4.95 -9.67
N HIS A 273 17.48 3.79 -9.59
CA HIS A 273 17.63 3.07 -8.31
C HIS A 273 19.06 2.74 -7.85
N LEU A 274 19.25 2.77 -6.53
CA LEU A 274 20.53 2.43 -5.90
C LEU A 274 20.31 1.28 -4.90
N TYR A 275 20.77 0.08 -5.22
CA TYR A 275 20.65 -1.07 -4.32
C TYR A 275 22.03 -1.61 -4.01
N LYS A 276 22.46 -1.42 -2.76
CA LYS A 276 23.78 -1.89 -2.33
C LYS A 276 24.87 -1.13 -3.06
N ASN A 277 25.65 -1.88 -3.84
CA ASN A 277 26.77 -1.34 -4.61
C ASN A 277 26.42 -1.20 -6.09
N LYS A 278 25.20 -1.58 -6.46
CA LYS A 278 24.77 -1.49 -7.85
C LYS A 278 23.78 -0.36 -8.12
N THR A 279 23.62 -0.02 -9.39
CA THR A 279 22.69 1.02 -9.79
C THR A 279 21.94 0.49 -11.02
N TYR A 280 20.62 0.73 -11.04
CA TYR A 280 19.83 0.27 -12.16
C TYR A 280 18.77 1.27 -12.55
N VAL A 282 14.85 1.48 -14.13
CA VAL A 282 13.63 0.71 -14.38
C VAL A 282 12.61 1.48 -15.24
N LYS A 283 12.08 0.79 -16.24
CA LYS A 283 11.07 1.36 -17.13
C LYS A 283 9.75 0.78 -16.65
N GLY A 284 8.86 1.65 -16.17
CA GLY A 284 7.58 1.17 -15.67
C GLY A 284 7.72 0.79 -14.21
N GLY A 285 6.68 0.18 -13.65
CA GLY A 285 6.70 -0.21 -12.24
C GLY A 285 6.53 0.94 -11.26
N MET A 286 5.63 0.80 -10.30
CA MET A 286 5.39 1.84 -9.30
C MET A 286 6.33 1.59 -8.13
N PRO A 287 7.21 2.56 -7.82
CA PRO A 287 8.14 2.41 -6.70
C PRO A 287 7.35 2.34 -5.41
N SER A 288 7.82 1.55 -4.46
CA SER A 288 7.11 1.40 -3.19
C SER A 288 7.17 2.56 -2.19
N GLY A 289 8.33 3.21 -2.05
CA GLY A 289 8.41 4.28 -1.07
C GLY A 289 8.39 5.73 -1.54
N SER A 291 6.16 9.50 -2.34
CA SER A 291 5.02 10.26 -1.86
C SER A 291 3.82 10.10 -2.79
N GLY A 292 2.87 9.25 -2.40
CA GLY A 292 1.71 9.05 -3.24
C GLY A 292 1.62 7.68 -3.86
N THR A 293 2.55 6.78 -3.52
CA THR A 293 2.51 5.44 -4.09
C THR A 293 1.13 4.81 -3.93
N SER A 294 0.61 4.85 -2.71
CA SER A 294 -0.70 4.28 -2.42
C SER A 294 -1.75 4.88 -3.34
N ILE A 295 -1.98 6.18 -3.17
CA ILE A 295 -2.99 6.88 -3.94
C ILE A 295 -2.90 6.68 -5.46
N PHE A 296 -1.73 6.93 -6.03
CA PHE A 296 -1.56 6.77 -7.47
C PHE A 296 -1.85 5.33 -7.86
N ASN A 297 -1.40 4.37 -7.05
CA ASN A 297 -1.68 2.96 -7.35
C ASN A 297 -3.20 2.74 -7.43
N SER A 298 -3.92 3.38 -6.52
CA SER A 298 -5.37 3.27 -6.44
C SER A 298 -6.05 3.93 -7.62
N MET A 299 -5.52 5.09 -8.03
CA MET A 299 -6.09 5.81 -9.15
C MET A 299 -5.89 4.95 -10.40
N ILE A 300 -4.71 4.37 -10.52
CA ILE A 300 -4.41 3.52 -11.65
C ILE A 300 -5.29 2.27 -11.62
N ASN A 301 -5.50 1.70 -10.44
CA ASN A 301 -6.34 0.52 -10.35
C ASN A 301 -7.76 0.88 -10.78
N ASN A 302 -8.14 2.13 -10.55
CA ASN A 302 -9.46 2.60 -10.95
C ASN A 302 -9.52 2.66 -12.46
N LEU A 303 -8.41 3.05 -13.09
CA LEU A 303 -8.34 3.12 -14.54
C LEU A 303 -8.37 1.71 -15.12
N ILE A 304 -7.64 0.79 -14.50
CA ILE A 304 -7.57 -0.60 -14.95
C ILE A 304 -8.94 -1.31 -14.99
N ILE A 305 -9.62 -1.36 -13.85
CA ILE A 305 -10.93 -2.02 -13.79
C ILE A 305 -11.88 -1.43 -14.84
N ARG A 306 -11.89 -0.12 -15.00
CA ARG A 306 -12.78 0.47 -15.99
C ARG A 306 -12.41 -0.06 -17.37
N THR A 307 -11.10 -0.09 -17.64
CA THR A 307 -10.60 -0.55 -18.92
C THR A 307 -11.04 -1.97 -19.21
N LEU A 308 -10.66 -2.91 -18.36
CA LEU A 308 -11.03 -4.30 -18.58
C LEU A 308 -12.54 -4.50 -18.74
N LEU A 309 -13.35 -3.59 -18.19
CA LEU A 309 -14.80 -3.71 -18.30
C LEU A 309 -15.25 -3.21 -19.66
N LEU A 310 -14.70 -2.07 -20.10
CA LEU A 310 -15.04 -1.49 -21.39
C LEU A 310 -14.56 -2.35 -22.55
N LYS A 311 -13.53 -3.16 -22.30
CA LYS A 311 -12.96 -4.03 -23.30
C LYS A 311 -13.66 -5.37 -23.37
N THR A 312 -14.33 -5.76 -22.28
CA THR A 312 -14.99 -7.06 -22.23
C THR A 312 -16.52 -6.99 -22.35
N TYR A 313 -17.10 -5.90 -21.89
CA TYR A 313 -18.55 -5.74 -21.93
C TYR A 313 -18.95 -4.43 -22.58
N LYS A 314 -18.83 -4.37 -23.90
CA LYS A 314 -19.20 -3.16 -24.63
C LYS A 314 -20.61 -2.79 -24.17
N GLY A 315 -20.78 -1.54 -23.76
CA GLY A 315 -22.09 -1.11 -23.33
C GLY A 315 -22.22 -1.08 -21.81
N ILE A 316 -21.22 -1.62 -21.11
CA ILE A 316 -21.23 -1.63 -19.65
C ILE A 316 -21.42 -0.19 -19.15
N ASP A 317 -22.25 0.00 -18.13
CA ASP A 317 -22.48 1.34 -17.59
C ASP A 317 -21.51 1.64 -16.46
N LEU A 318 -20.41 2.32 -16.79
CA LEU A 318 -19.42 2.62 -15.78
C LEU A 318 -20.01 3.37 -14.59
N ASP A 319 -21.02 4.19 -14.83
CA ASP A 319 -21.67 4.92 -13.75
C ASP A 319 -22.26 4.00 -12.69
N HIS A 320 -22.36 2.71 -12.97
CA HIS A 320 -22.87 1.78 -11.99
C HIS A 320 -21.81 0.80 -11.59
N LEU A 321 -20.58 1.26 -11.74
CA LEU A 321 -19.43 0.49 -11.33
C LEU A 321 -19.15 1.20 -10.01
N LYS A 322 -19.28 0.48 -8.90
CA LYS A 322 -19.00 1.05 -7.60
C LYS A 322 -17.85 0.22 -7.10
N MET A 323 -16.67 0.84 -7.00
CA MET A 323 -15.49 0.14 -6.51
C MET A 323 -14.70 1.00 -5.54
N ILE A 324 -13.92 0.34 -4.68
CA ILE A 324 -13.07 1.04 -3.72
C ILE A 324 -11.73 0.30 -3.72
N ALA A 325 -10.66 1.03 -3.98
CA ALA A 325 -9.36 0.40 -4.03
C ALA A 325 -8.41 0.98 -3.00
N TYR A 326 -7.38 0.19 -2.71
CA TYR A 326 -6.33 0.55 -1.79
C TYR A 326 -5.08 -0.05 -2.40
N GLY A 327 -4.53 0.63 -3.40
CA GLY A 327 -3.36 0.10 -4.07
C GLY A 327 -3.90 -1.02 -4.92
N ASP A 328 -3.25 -2.18 -4.89
CA ASP A 328 -3.73 -3.29 -5.71
C ASP A 328 -4.99 -3.90 -5.15
N ASP A 329 -5.18 -3.83 -3.84
CA ASP A 329 -6.38 -4.42 -3.25
C ASP A 329 -7.61 -3.65 -3.71
N VAL A 330 -8.71 -4.37 -3.92
CA VAL A 330 -9.93 -3.73 -4.38
C VAL A 330 -11.18 -4.54 -4.06
N ILE A 331 -12.30 -3.83 -3.99
CA ILE A 331 -13.61 -4.43 -3.75
C ILE A 331 -14.55 -3.66 -4.68
N ALA A 332 -15.12 -4.36 -5.66
CA ALA A 332 -15.99 -3.72 -6.63
C ALA A 332 -17.35 -4.38 -6.82
N SER A 333 -18.24 -3.67 -7.49
CA SER A 333 -19.58 -4.19 -7.71
C SER A 333 -20.25 -3.61 -8.96
N TYR A 334 -21.28 -4.33 -9.43
CA TYR A 334 -22.04 -3.92 -10.62
C TYR A 334 -23.44 -4.50 -10.49
N PRO A 335 -24.46 -3.79 -11.02
CA PRO A 335 -25.82 -4.30 -10.94
C PRO A 335 -25.94 -5.73 -11.45
N HIS A 336 -25.15 -6.09 -12.44
CA HIS A 336 -25.19 -7.43 -12.99
C HIS A 336 -23.94 -8.21 -12.67
N GLU A 337 -24.04 -9.53 -12.75
CA GLU A 337 -22.90 -10.36 -12.47
C GLU A 337 -21.93 -10.23 -13.63
N VAL A 338 -20.64 -10.41 -13.37
CA VAL A 338 -19.65 -10.36 -14.43
C VAL A 338 -18.69 -11.50 -14.21
N ASP A 339 -17.97 -11.88 -15.24
CA ASP A 339 -17.05 -12.99 -15.15
C ASP A 339 -15.64 -12.53 -14.75
N ALA A 340 -15.26 -12.81 -13.51
CA ALA A 340 -13.93 -12.43 -13.02
C ALA A 340 -12.87 -13.10 -13.90
N SER A 341 -13.12 -14.35 -14.25
CA SER A 341 -12.18 -15.09 -15.09
C SER A 341 -12.00 -14.42 -16.45
N LEU A 342 -13.10 -13.96 -17.03
CA LEU A 342 -13.05 -13.30 -18.33
C LEU A 342 -12.24 -12.03 -18.24
N LEU A 343 -12.51 -11.23 -17.20
CA LEU A 343 -11.79 -9.98 -16.99
C LEU A 343 -10.31 -10.27 -16.82
N ALA A 344 -10.01 -11.28 -16.02
CA ALA A 344 -8.63 -11.66 -15.76
C ALA A 344 -7.91 -11.94 -17.08
N GLN A 345 -8.66 -12.45 -18.04
CA GLN A 345 -8.08 -12.73 -19.35
C GLN A 345 -7.68 -11.41 -20.04
N SER A 346 -8.62 -10.48 -20.17
CA SER A 346 -8.31 -9.20 -20.80
C SER A 346 -7.17 -8.52 -20.05
N GLY A 347 -7.03 -8.87 -18.77
CA GLY A 347 -5.99 -8.30 -17.94
C GLY A 347 -4.59 -8.63 -18.43
N LYS A 348 -4.34 -9.90 -18.76
CA LYS A 348 -3.01 -10.28 -19.24
C LYS A 348 -2.57 -9.36 -20.37
N ASP A 349 -3.49 -9.01 -21.26
CA ASP A 349 -3.14 -8.15 -22.39
C ASP A 349 -2.68 -6.77 -21.94
N TYR A 350 -3.14 -6.33 -20.77
CA TYR A 350 -2.73 -5.02 -20.29
C TYR A 350 -1.56 -5.11 -19.31
N GLY A 351 -0.93 -6.27 -19.27
CA GLY A 351 0.22 -6.48 -18.41
C GLY A 351 -0.13 -6.74 -16.96
N LEU A 352 -1.33 -7.22 -16.70
CA LEU A 352 -1.76 -7.49 -15.35
C LEU A 352 -2.04 -8.97 -15.17
N THR A 353 -1.60 -9.52 -14.04
CA THR A 353 -1.81 -10.94 -13.73
C THR A 353 -2.86 -11.02 -12.62
N MET A 354 -4.08 -11.38 -13.00
CA MET A 354 -5.19 -11.46 -12.07
C MET A 354 -5.59 -12.89 -11.76
N THR A 355 -5.78 -13.20 -10.49
CA THR A 355 -6.16 -14.53 -10.07
C THR A 355 -7.32 -14.46 -9.10
N PRO A 356 -8.04 -15.58 -8.89
CA PRO A 356 -9.19 -15.65 -7.99
C PRO A 356 -8.97 -14.93 -6.67
N ALA A 357 -10.00 -14.21 -6.22
CA ALA A 357 -9.92 -13.47 -4.97
C ALA A 357 -9.56 -14.37 -3.79
N ASP A 358 -8.55 -13.94 -3.04
CA ASP A 358 -8.05 -14.67 -1.87
C ASP A 358 -7.58 -16.09 -2.16
N LYS A 359 -6.55 -16.18 -2.99
CA LYS A 359 -5.93 -17.45 -3.36
C LYS A 359 -6.90 -18.62 -3.57
N SER A 360 -8.11 -18.33 -4.03
CA SER A 360 -9.07 -19.41 -4.28
C SER A 360 -8.46 -20.23 -5.40
N ALA A 361 -8.90 -21.47 -5.55
CA ALA A 361 -8.37 -22.34 -6.59
C ALA A 361 -8.96 -21.93 -7.92
N THR A 362 -10.16 -21.34 -7.84
CA THR A 362 -10.87 -20.92 -9.03
C THR A 362 -11.69 -19.65 -8.76
N PHE A 363 -12.09 -18.97 -9.82
CA PHE A 363 -12.89 -17.77 -9.69
C PHE A 363 -14.29 -18.22 -9.31
N GLU A 364 -14.77 -17.80 -8.15
CA GLU A 364 -16.10 -18.18 -7.69
C GLU A 364 -16.94 -16.92 -7.43
N THR A 365 -18.21 -17.12 -7.10
CA THR A 365 -19.10 -16.00 -6.84
C THR A 365 -18.71 -15.26 -5.55
N VAL A 366 -18.54 -13.95 -5.65
CA VAL A 366 -18.18 -13.13 -4.49
C VAL A 366 -19.42 -12.72 -3.71
N THR A 367 -19.37 -12.94 -2.40
CA THR A 367 -20.48 -12.62 -1.50
C THR A 367 -20.05 -11.80 -0.28
N TRP A 368 -21.02 -11.25 0.44
CA TRP A 368 -20.71 -10.46 1.62
C TRP A 368 -20.15 -11.34 2.74
N GLU A 369 -20.29 -12.65 2.56
CA GLU A 369 -19.83 -13.63 3.54
C GLU A 369 -18.36 -13.98 3.33
N ASN A 370 -17.92 -14.04 2.08
CA ASN A 370 -16.54 -14.41 1.75
C ASN A 370 -15.62 -13.27 1.32
N VAL A 371 -16.20 -12.14 0.93
CA VAL A 371 -15.38 -11.03 0.47
C VAL A 371 -14.49 -10.40 1.54
N THR A 372 -13.27 -10.08 1.15
CA THR A 372 -12.35 -9.43 2.07
C THR A 372 -11.79 -8.16 1.44
N PHE A 373 -11.23 -7.31 2.29
CA PHE A 373 -10.65 -6.05 1.87
C PHE A 373 -9.63 -5.70 2.93
N LEU A 374 -8.35 -5.76 2.58
CA LEU A 374 -7.29 -5.48 3.53
C LEU A 374 -7.21 -6.64 4.51
N LYS A 375 -7.40 -7.84 3.99
CA LYS A 375 -7.34 -9.06 4.80
C LYS A 375 -8.56 -9.21 5.70
N ARG A 376 -9.32 -8.14 5.88
CA ARG A 376 -10.50 -8.13 6.74
C ARG A 376 -11.79 -8.58 6.05
N PHE A 377 -12.68 -9.18 6.85
CA PHE A 377 -13.98 -9.64 6.36
C PHE A 377 -15.02 -8.62 6.77
N PHE A 378 -16.28 -8.88 6.38
CA PHE A 378 -17.40 -8.01 6.72
C PHE A 378 -18.38 -8.85 7.50
N ARG A 379 -18.71 -8.39 8.70
CA ARG A 379 -19.66 -9.08 9.58
C ARG A 379 -20.52 -8.08 10.32
N ALA A 380 -21.84 -8.16 10.11
CA ALA A 380 -22.76 -7.25 10.78
C ALA A 380 -22.85 -7.66 12.24
N ASP A 381 -22.89 -6.67 13.14
CA ASP A 381 -22.97 -6.96 14.57
C ASP A 381 -24.30 -7.60 14.94
N GLU A 382 -24.25 -8.59 15.83
CA GLU A 382 -25.44 -9.30 16.27
C GLU A 382 -26.53 -8.41 16.86
N LYS A 383 -26.16 -7.56 17.82
CA LYS A 383 -27.14 -6.68 18.45
C LYS A 383 -27.61 -5.55 17.55
N TYR A 384 -26.70 -4.97 16.78
CA TYR A 384 -27.08 -3.87 15.90
C TYR A 384 -26.49 -4.13 14.51
N PRO A 385 -27.13 -5.02 13.73
CA PRO A 385 -26.71 -5.38 12.38
C PRO A 385 -26.40 -4.25 11.42
N PHE A 386 -26.87 -3.05 11.71
CA PHE A 386 -26.56 -1.94 10.82
C PHE A 386 -25.15 -1.43 11.03
N LEU A 387 -24.42 -2.11 11.89
CA LEU A 387 -23.03 -1.76 12.17
C LEU A 387 -22.22 -2.98 11.71
N ILE A 388 -21.27 -2.75 10.80
CA ILE A 388 -20.47 -3.83 10.25
C ILE A 388 -19.09 -3.93 10.87
N HIS A 389 -18.73 -5.14 11.25
CA HIS A 389 -17.44 -5.43 11.86
C HIS A 389 -16.34 -5.71 10.87
N PRO A 390 -15.26 -4.93 10.91
CA PRO A 390 -14.20 -5.26 9.95
C PRO A 390 -13.52 -6.43 10.68
N VAL A 391 -13.55 -7.63 10.09
CA VAL A 391 -12.97 -8.80 10.76
C VAL A 391 -11.71 -9.42 10.17
N MET A 392 -10.59 -9.22 10.84
CA MET A 392 -9.35 -9.80 10.38
C MET A 392 -9.13 -11.14 11.07
N PRO A 393 -8.77 -12.16 10.29
CA PRO A 393 -8.53 -13.51 10.81
C PRO A 393 -7.57 -13.52 12.00
N MET A 394 -7.85 -14.36 12.99
CA MET A 394 -6.99 -14.44 14.14
C MET A 394 -5.59 -14.91 13.77
N LYS A 395 -5.51 -15.75 12.74
CA LYS A 395 -4.24 -16.28 12.29
C LYS A 395 -3.24 -15.15 12.03
N GLU A 396 -3.73 -14.11 11.36
CA GLU A 396 -2.91 -12.94 11.03
C GLU A 396 -2.34 -12.29 12.27
N ILE A 397 -3.14 -12.26 13.33
CA ILE A 397 -2.73 -11.66 14.59
C ILE A 397 -1.74 -12.58 15.30
N HIS A 398 -2.06 -13.86 15.35
CA HIS A 398 -1.20 -14.84 15.99
C HIS A 398 0.19 -14.73 15.38
N GLU A 399 0.27 -14.65 14.06
CA GLU A 399 1.55 -14.52 13.38
C GLU A 399 2.30 -13.28 13.87
N SER A 400 1.66 -12.13 13.78
CA SER A 400 2.30 -10.89 14.17
C SER A 400 2.80 -10.87 15.61
N ILE A 401 2.00 -11.42 16.52
CA ILE A 401 2.37 -11.39 17.92
C ILE A 401 3.52 -12.28 18.35
N ARG A 402 3.82 -13.31 17.56
CA ARG A 402 4.91 -14.23 17.91
C ARG A 402 6.30 -13.65 17.71
N TRP A 403 6.38 -12.42 17.19
CA TRP A 403 7.67 -11.78 16.95
C TRP A 403 7.75 -10.34 17.46
N THR A 404 8.94 -9.79 17.47
CA THR A 404 9.13 -8.43 17.95
C THR A 404 10.42 -7.86 17.40
N LYS A 405 10.41 -6.55 17.15
CA LYS A 405 11.58 -5.85 16.64
C LYS A 405 12.19 -5.05 17.78
N ASP A 406 11.33 -4.58 18.66
CA ASP A 406 11.77 -3.80 19.80
C ASP A 406 10.86 -4.10 20.99
N PRO A 407 11.46 -4.39 22.15
CA PRO A 407 10.71 -4.70 23.37
C PRO A 407 9.97 -3.48 23.93
N ARG A 408 10.49 -2.29 23.65
CA ARG A 408 9.89 -1.05 24.10
C ARG A 408 8.56 -0.81 23.43
N ASN A 409 8.33 -1.46 22.31
CA ASN A 409 7.07 -1.28 21.59
C ASN A 409 6.14 -2.49 21.74
N THR A 410 6.36 -3.30 22.78
CA THR A 410 5.52 -4.47 22.99
C THR A 410 4.12 -4.04 23.46
N GLN A 411 4.06 -3.04 24.33
CA GLN A 411 2.77 -2.54 24.81
C GLN A 411 1.97 -2.08 23.60
N ASP A 412 2.57 -1.20 22.82
CA ASP A 412 1.92 -0.66 21.64
C ASP A 412 1.54 -1.73 20.61
N HIS A 413 2.48 -2.62 20.31
CA HIS A 413 2.24 -3.69 19.33
C HIS A 413 1.04 -4.58 19.70
N VAL A 414 0.99 -5.07 20.94
CA VAL A 414 -0.09 -5.95 21.39
C VAL A 414 -1.40 -5.22 21.47
N ARG A 415 -1.34 -4.00 21.99
CA ARG A 415 -2.53 -3.16 22.12
C ARG A 415 -3.15 -3.03 20.72
N SER A 416 -2.31 -2.76 19.72
CA SER A 416 -2.79 -2.64 18.35
C SER A 416 -3.51 -3.89 17.93
N LEU A 417 -2.83 -5.03 18.08
CA LEU A 417 -3.42 -6.29 17.69
C LEU A 417 -4.77 -6.49 18.36
N CYS A 418 -4.92 -5.98 19.58
CA CYS A 418 -6.18 -6.12 20.31
C CYS A 418 -7.31 -5.36 19.63
N LEU A 419 -6.99 -4.16 19.15
CA LEU A 419 -7.98 -3.33 18.46
C LEU A 419 -8.42 -3.99 17.16
N LEU A 420 -7.68 -4.99 16.72
CA LEU A 420 -8.01 -5.71 15.50
C LEU A 420 -8.78 -6.97 15.83
N ALA A 421 -8.25 -7.74 16.76
CA ALA A 421 -8.85 -9.02 17.17
C ALA A 421 -10.24 -9.02 17.77
N TRP A 422 -10.51 -8.13 18.72
CA TRP A 422 -11.82 -8.12 19.38
C TRP A 422 -13.02 -8.21 18.46
N HIS A 423 -12.87 -7.76 17.21
CA HIS A 423 -13.96 -7.82 16.24
C HIS A 423 -14.34 -9.26 15.92
N ASN A 424 -13.50 -10.21 16.32
CA ASN A 424 -13.78 -11.63 16.08
C ASN A 424 -14.81 -12.16 17.05
N GLY A 425 -15.17 -11.35 18.04
CA GLY A 425 -16.14 -11.77 19.03
C GLY A 425 -15.58 -11.93 20.43
N GLU A 426 -16.44 -11.76 21.43
CA GLU A 426 -16.02 -11.85 22.81
C GLU A 426 -15.32 -13.15 23.20
N GLU A 427 -15.91 -14.29 22.87
CA GLU A 427 -15.29 -15.56 23.22
C GLU A 427 -13.84 -15.61 22.74
N GLU A 428 -13.65 -15.32 21.45
CA GLU A 428 -12.33 -15.33 20.82
C GLU A 428 -11.35 -14.35 21.44
N TYR A 429 -11.80 -13.12 21.66
CA TYR A 429 -10.95 -12.10 22.23
C TYR A 429 -10.41 -12.48 23.60
N ASN A 430 -11.30 -13.01 24.44
CA ASN A 430 -10.92 -13.41 25.79
C ASN A 430 -9.91 -14.56 25.82
N LYS A 431 -10.00 -15.49 24.87
CA LYS A 431 -9.04 -16.60 24.80
C LYS A 431 -7.70 -15.96 24.50
N PHE A 432 -7.72 -15.03 23.55
CA PHE A 432 -6.57 -14.29 23.11
C PHE A 432 -5.92 -13.59 24.32
N LEU A 433 -6.70 -12.80 25.06
CA LEU A 433 -6.18 -12.10 26.24
C LEU A 433 -5.64 -13.07 27.28
N ALA A 434 -6.32 -14.19 27.41
CA ALA A 434 -5.94 -15.23 28.35
C ALA A 434 -4.52 -15.70 28.04
N LYS A 435 -4.30 -16.15 26.81
CA LYS A 435 -2.98 -16.61 26.41
C LYS A 435 -1.94 -15.52 26.60
N ILE A 436 -2.27 -14.30 26.23
CA ILE A 436 -1.33 -13.20 26.39
C ILE A 436 -0.90 -13.11 27.86
N ARG A 437 -1.87 -13.26 28.76
CA ARG A 437 -1.60 -13.17 30.19
C ARG A 437 -1.08 -14.46 30.82
N SER A 438 -0.69 -15.41 29.99
CA SER A 438 -0.18 -16.68 30.47
C SER A 438 1.34 -16.69 30.61
N VAL A 439 1.96 -15.53 30.45
CA VAL A 439 3.41 -15.40 30.59
C VAL A 439 3.62 -14.04 31.23
N PRO A 440 4.71 -13.88 32.00
CA PRO A 440 5.02 -12.62 32.67
C PRO A 440 4.77 -11.35 31.87
N ILE A 441 5.41 -11.26 30.70
CA ILE A 441 5.30 -10.09 29.85
C ILE A 441 3.88 -9.60 29.65
N GLY A 442 3.03 -10.51 29.15
CA GLY A 442 1.64 -10.17 28.91
C GLY A 442 0.92 -9.69 30.14
N ARG A 443 1.10 -10.38 31.26
CA ARG A 443 0.44 -9.98 32.49
C ARG A 443 0.77 -8.55 32.90
N ALA A 444 1.80 -7.97 32.29
CA ALA A 444 2.19 -6.62 32.63
C ALA A 444 1.66 -5.60 31.62
N LEU A 445 0.89 -6.06 30.65
CA LEU A 445 0.36 -5.16 29.63
C LEU A 445 -0.99 -4.55 30.00
N ASP A 446 -1.23 -3.35 29.47
CA ASP A 446 -2.44 -2.58 29.69
C ASP A 446 -3.39 -2.84 28.51
N LEU A 447 -3.97 -4.04 28.48
CA LEU A 447 -4.86 -4.41 27.39
C LEU A 447 -6.31 -4.07 27.73
N PRO A 448 -7.06 -3.57 26.75
CA PRO A 448 -8.47 -3.19 26.90
C PRO A 448 -9.39 -4.40 26.94
N GLU A 449 -10.42 -4.34 27.77
CA GLU A 449 -11.37 -5.43 27.89
C GLU A 449 -12.40 -5.35 26.77
N TYR A 450 -12.94 -6.51 26.38
CA TYR A 450 -13.93 -6.58 25.32
C TYR A 450 -15.03 -5.53 25.43
N SER A 451 -15.85 -5.66 26.46
CA SER A 451 -16.94 -4.75 26.70
C SER A 451 -16.53 -3.28 26.51
N THR A 452 -15.36 -2.91 27.01
CA THR A 452 -14.89 -1.53 26.86
C THR A 452 -14.76 -1.17 25.39
N LEU A 453 -14.07 -2.03 24.65
CA LEU A 453 -13.86 -1.83 23.22
C LEU A 453 -15.16 -1.80 22.45
N TYR A 454 -16.02 -2.78 22.72
CA TYR A 454 -17.31 -2.86 22.03
C TYR A 454 -18.22 -1.68 22.25
N ASP A 455 -18.30 -1.17 23.47
CA ASP A 455 -19.16 -0.02 23.75
C ASP A 455 -18.60 1.21 23.04
N ARG A 456 -17.29 1.41 23.18
CA ARG A 456 -16.63 2.54 22.56
C ARG A 456 -16.96 2.50 21.07
N TRP A 457 -16.92 1.30 20.49
CA TRP A 457 -17.20 1.13 19.08
C TRP A 457 -18.59 1.63 18.77
N LEU A 458 -19.59 1.14 19.51
CA LEU A 458 -20.99 1.55 19.31
C LEU A 458 -21.18 3.07 19.29
N ASP A 459 -20.49 3.78 20.19
CA ASP A 459 -20.61 5.23 20.25
C ASP A 459 -19.84 6.00 19.18
N SER A 460 -18.84 5.34 18.60
CA SER A 460 -17.96 5.96 17.60
C SER A 460 -18.64 6.46 16.35
N PHE A 461 -19.80 5.90 16.02
CA PHE A 461 -20.52 6.31 14.82
C PHE A 461 -21.23 7.67 14.94
#